data_3D5V
#
_entry.id   3D5V
#
_cell.length_a   134.767
_cell.length_b   134.767
_cell.length_c   134.767
_cell.angle_alpha   90.00
_cell.angle_beta   90.00
_cell.angle_gamma   90.00
#
_symmetry.space_group_name_H-M   'I 2 3'
#
loop_
_entity.id
_entity.type
_entity.pdbx_description
1 polymer 'Polo-like kinase 1'
2 water water
#
_entity_poly.entity_id   1
_entity_poly.type   'polypeptide(L)'
_entity_poly.pdbx_seq_one_letter_code
;GPLGSMSAAIAKPSAKPSAHVDPKSAPLKEIPDVLVDPRTMKRYMRGRFLGKGGFAKCYEITDMDTKEVFAGKVVPKSML
LKPHQKEKMSTEIAIHKSLDNPHVVGFHGFFEDDDFVYVVLEICRRRSLLELHKRRKAVTEPEARYFMRQTIQGVQYLHN
NRVIHRDLKLGNLFLNDDMDVKIGDFGLATKIEFDGERKKDLCGTPNYIAPEVLCKKGHSFEVDIWSLGCILYTLLVGKP
PFETSCLKETYIRIKKNEYSVPRHINPVASALIRRMLHADPTLRPSVAELLTDEFFTSGYAPMRLPTSCLTVPPRFS
;
_entity_poly.pdbx_strand_id   A
#
# COMPACT_ATOMS: atom_id res chain seq x y z
N GLU A 30 -7.43 -1.28 28.47
CA GLU A 30 -8.64 -1.55 27.63
C GLU A 30 -9.02 -0.31 26.83
N ILE A 31 -9.31 -0.52 25.54
CA ILE A 31 -9.71 0.56 24.64
C ILE A 31 -11.20 0.86 24.82
N PRO A 32 -11.55 2.14 25.06
CA PRO A 32 -12.93 2.57 25.27
C PRO A 32 -13.90 2.17 24.16
N ASP A 33 -15.16 1.95 24.52
CA ASP A 33 -16.21 1.61 23.56
C ASP A 33 -16.53 2.80 22.65
N VAL A 34 -16.62 3.98 23.25
CA VAL A 34 -16.84 5.22 22.52
C VAL A 34 -15.55 6.04 22.54
N LEU A 35 -15.07 6.39 21.35
CA LEU A 35 -13.87 7.20 21.20
C LEU A 35 -14.25 8.65 20.95
N VAL A 36 -13.84 9.52 21.86
CA VAL A 36 -14.20 10.95 21.80
C VAL A 36 -12.99 11.86 21.59
N ASP A 37 -13.25 13.02 20.97
CA ASP A 37 -12.23 13.99 20.59
C ASP A 37 -12.52 15.33 21.28
N PRO A 38 -11.49 15.95 21.89
CA PRO A 38 -11.62 17.35 22.31
C PRO A 38 -11.88 18.33 21.16
N ARG A 39 -11.29 18.04 19.99
CA ARG A 39 -11.37 18.92 18.82
C ARG A 39 -12.77 18.94 18.19
N THR A 40 -13.05 17.94 17.35
CA THR A 40 -14.33 17.85 16.64
C THR A 40 -15.49 17.50 17.57
N MET A 41 -15.15 16.96 18.74
CA MET A 41 -16.12 16.47 19.74
C MET A 41 -17.13 15.47 19.18
N LYS A 42 -16.67 14.67 18.23
CA LYS A 42 -17.47 13.59 17.63
C LYS A 42 -17.28 12.31 18.43
N ARG A 43 -18.31 11.46 18.40
CA ARG A 43 -18.28 10.18 19.11
C ARG A 43 -18.12 9.03 18.12
N TYR A 44 -17.02 8.30 18.26
CA TYR A 44 -16.76 7.13 17.40
C TYR A 44 -16.93 5.83 18.17
N MET A 45 -17.95 5.07 17.82
CA MET A 45 -18.19 3.77 18.45
C MET A 45 -17.26 2.72 17.86
N ARG A 46 -16.39 2.18 18.70
CA ARG A 46 -15.46 1.12 18.31
C ARG A 46 -16.23 -0.18 18.08
N GLY A 47 -16.10 -0.73 16.87
CA GLY A 47 -16.83 -1.92 16.48
C GLY A 47 -15.94 -3.08 16.09
N ARG A 48 -16.22 -3.65 14.92
CA ARG A 48 -15.57 -4.86 14.43
C ARG A 48 -14.05 -4.72 14.34
N PHE A 49 -13.35 -5.69 14.94
CA PHE A 49 -11.89 -5.79 14.87
C PHE A 49 -11.44 -6.03 13.44
N LEU A 50 -10.38 -5.35 13.01
CA LEU A 50 -9.91 -5.41 11.63
C LEU A 50 -8.51 -6.03 11.49
N GLY A 51 -7.72 -5.95 12.55
CA GLY A 51 -6.38 -6.52 12.55
C GLY A 51 -5.36 -5.72 13.32
N LYS A 52 -4.23 -6.36 13.61
CA LYS A 52 -3.10 -5.73 14.28
C LYS A 52 -1.96 -5.44 13.30
N GLY A 53 -1.36 -4.26 13.44
CA GLY A 53 -0.27 -3.85 12.56
C GLY A 53 0.97 -3.44 13.33
N GLY A 54 1.77 -4.44 13.71
CA GLY A 54 2.99 -4.22 14.48
C GLY A 54 2.70 -3.84 15.92
N PHE A 55 2.48 -2.54 16.14
CA PHE A 55 2.16 -2.03 17.47
C PHE A 55 0.73 -1.52 17.57
N ALA A 56 0.13 -1.22 16.42
CA ALA A 56 -1.23 -0.68 16.37
C ALA A 56 -2.29 -1.79 16.26
N LYS A 57 -3.48 -1.49 16.76
CA LYS A 57 -4.64 -2.38 16.65
C LYS A 57 -5.80 -1.63 16.01
N CYS A 58 -6.26 -2.12 14.86
CA CYS A 58 -7.25 -1.41 14.05
C CYS A 58 -8.68 -1.93 14.25
N TYR A 59 -9.63 -1.01 14.33
CA TYR A 59 -11.04 -1.33 14.50
C TYR A 59 -11.90 -0.54 13.53
N GLU A 60 -13.02 -1.14 13.12
CA GLU A 60 -14.02 -0.46 12.33
C GLU A 60 -14.84 0.45 13.26
N ILE A 61 -14.70 1.76 13.08
CA ILE A 61 -15.39 2.73 13.93
C ILE A 61 -16.52 3.46 13.20
N THR A 62 -17.59 3.75 13.93
CA THR A 62 -18.75 4.43 13.38
C THR A 62 -18.99 5.75 14.09
N ASP A 63 -19.11 6.83 13.31
CA ASP A 63 -19.50 8.13 13.82
C ASP A 63 -20.92 8.03 14.34
N MET A 64 -21.08 8.19 15.65
CA MET A 64 -22.38 8.01 16.31
C MET A 64 -23.40 9.08 15.90
N ASP A 65 -22.92 10.14 15.25
CA ASP A 65 -23.77 11.23 14.77
C ASP A 65 -24.19 11.01 13.32
N THR A 66 -23.22 10.94 12.42
CA THR A 66 -23.48 10.84 10.97
C THR A 66 -23.64 9.40 10.46
N LYS A 67 -23.20 8.44 11.27
CA LYS A 67 -23.25 7.01 10.95
C LYS A 67 -22.33 6.59 9.79
N GLU A 68 -21.32 7.42 9.52
CA GLU A 68 -20.31 7.11 8.51
C GLU A 68 -19.25 6.20 9.11
N VAL A 69 -18.85 5.19 8.35
CA VAL A 69 -17.93 4.16 8.81
C VAL A 69 -16.48 4.48 8.46
N PHE A 70 -15.60 4.37 9.44
CA PHE A 70 -14.17 4.62 9.27
C PHE A 70 -13.33 3.47 9.82
N ALA A 71 -12.02 3.54 9.61
CA ALA A 71 -11.07 2.61 10.21
C ALA A 71 -10.26 3.32 11.29
N GLY A 72 -10.53 2.96 12.55
CA GLY A 72 -9.86 3.55 13.69
C GLY A 72 -8.58 2.82 14.05
N LYS A 73 -7.45 3.49 13.85
CA LYS A 73 -6.14 2.95 14.20
C LYS A 73 -5.81 3.35 15.64
N VAL A 74 -5.69 2.36 16.51
CA VAL A 74 -5.42 2.60 17.93
C VAL A 74 -4.00 2.19 18.30
N VAL A 75 -3.18 3.19 18.63
CA VAL A 75 -1.80 2.95 19.05
C VAL A 75 -1.59 3.38 20.51
N PRO A 76 -1.18 2.44 21.37
CA PRO A 76 -1.02 2.69 22.81
C PRO A 76 0.21 3.53 23.13
N LYS A 77 0.14 4.26 24.25
CA LYS A 77 1.25 5.09 24.70
C LYS A 77 2.32 4.29 25.46
N SER A 78 2.14 2.96 25.49
CA SER A 78 3.16 2.04 25.99
C SER A 78 4.37 2.08 25.05
N MET A 79 4.11 2.25 23.76
CA MET A 79 5.13 2.51 22.77
C MET A 79 5.37 4.02 22.70
N LEU A 80 5.71 4.52 21.51
CA LEU A 80 5.88 5.96 21.26
C LEU A 80 6.83 6.66 22.22
N HIS A 84 11.74 9.41 20.84
CA HIS A 84 12.28 8.87 19.59
C HIS A 84 11.18 8.30 18.70
N GLN A 85 10.38 7.39 19.25
CA GLN A 85 9.29 6.75 18.53
C GLN A 85 8.07 7.68 18.41
N LYS A 86 7.95 8.62 19.35
CA LYS A 86 6.87 9.60 19.35
C LYS A 86 7.06 10.65 18.24
N GLU A 87 8.31 10.86 17.83
CA GLU A 87 8.63 11.78 16.76
C GLU A 87 8.41 11.13 15.39
N LYS A 88 8.58 9.81 15.32
CA LYS A 88 8.42 9.05 14.09
C LYS A 88 6.97 9.00 13.60
N MET A 89 6.04 8.79 14.54
CA MET A 89 4.62 8.73 14.21
C MET A 89 4.03 10.11 13.94
N SER A 90 4.60 11.13 14.58
CA SER A 90 4.17 12.52 14.38
C SER A 90 4.48 12.98 12.95
N THR A 91 5.58 12.48 12.39
CA THR A 91 5.96 12.73 11.01
C THR A 91 5.02 11.99 10.04
N GLU A 92 4.64 10.77 10.44
CA GLU A 92 3.68 9.96 9.67
C GLU A 92 2.34 10.66 9.54
N ILE A 93 1.83 11.17 10.66
CA ILE A 93 0.56 11.91 10.68
C ILE A 93 0.64 13.20 9.87
N ALA A 94 1.77 13.91 9.99
CA ALA A 94 2.01 15.14 9.26
C ALA A 94 1.96 14.95 7.75
N ILE A 95 2.59 13.86 7.27
CA ILE A 95 2.62 13.53 5.85
C ILE A 95 1.25 13.02 5.35
N HIS A 96 0.61 12.17 6.16
CA HIS A 96 -0.65 11.53 5.78
C HIS A 96 -1.83 12.52 5.69
N LYS A 97 -1.91 13.45 6.63
CA LYS A 97 -3.04 14.40 6.71
C LYS A 97 -3.19 15.30 5.48
N SER A 98 -2.06 15.65 4.85
CA SER A 98 -2.04 16.54 3.69
C SER A 98 -2.50 15.85 2.40
N LEU A 99 -2.40 14.53 2.38
CA LEU A 99 -2.70 13.73 1.20
C LEU A 99 -4.21 13.59 0.93
N ASP A 100 -4.59 13.74 -0.33
CA ASP A 100 -5.98 13.56 -0.77
C ASP A 100 -6.01 13.04 -2.20
N ASN A 101 -6.15 11.72 -2.33
CA ASN A 101 -6.13 11.05 -3.62
C ASN A 101 -6.94 9.75 -3.58
N PRO A 102 -7.74 9.47 -4.64
CA PRO A 102 -8.54 8.24 -4.71
C PRO A 102 -7.73 6.93 -4.63
N HIS A 103 -6.42 7.02 -4.76
CA HIS A 103 -5.55 5.83 -4.70
C HIS A 103 -4.66 5.81 -3.44
N VAL A 104 -4.96 6.72 -2.50
CA VAL A 104 -4.26 6.78 -1.22
C VAL A 104 -5.32 6.70 -0.12
N VAL A 105 -4.99 5.99 0.97
CA VAL A 105 -5.90 5.87 2.11
C VAL A 105 -6.22 7.25 2.69
N GLY A 106 -7.50 7.62 2.63
CA GLY A 106 -7.97 8.92 3.11
C GLY A 106 -7.76 9.13 4.60
N PHE A 107 -7.18 10.27 4.96
CA PHE A 107 -6.96 10.67 6.33
C PHE A 107 -8.08 11.62 6.76
N HIS A 108 -8.81 11.24 7.81
CA HIS A 108 -9.97 12.03 8.26
C HIS A 108 -9.77 12.72 9.60
N GLY A 109 -8.63 12.48 10.24
CA GLY A 109 -8.29 13.14 11.50
C GLY A 109 -7.63 12.24 12.52
N PHE A 110 -6.98 12.86 13.51
CA PHE A 110 -6.36 12.13 14.60
C PHE A 110 -6.54 12.85 15.94
N PHE A 111 -6.58 12.06 17.02
CA PHE A 111 -6.72 12.58 18.38
C PHE A 111 -6.13 11.62 19.41
N GLU A 112 -6.07 12.05 20.67
CA GLU A 112 -5.46 11.26 21.73
C GLU A 112 -6.10 11.51 23.10
N ASP A 113 -6.06 10.49 23.95
CA ASP A 113 -6.36 10.65 25.38
C ASP A 113 -5.10 10.38 26.20
N ASP A 114 -5.27 9.96 27.45
CA ASP A 114 -4.13 9.69 28.33
C ASP A 114 -3.53 8.31 28.09
N ASP A 115 -4.26 7.43 27.41
CA ASP A 115 -3.84 6.05 27.22
C ASP A 115 -3.47 5.71 25.77
N PHE A 116 -4.32 6.09 24.82
CA PHE A 116 -4.12 5.73 23.42
C PHE A 116 -4.13 6.93 22.47
N VAL A 117 -3.45 6.77 21.34
CA VAL A 117 -3.53 7.73 20.23
C VAL A 117 -4.40 7.13 19.13
N TYR A 118 -5.40 7.88 18.69
CA TYR A 118 -6.38 7.39 17.71
C TYR A 118 -6.23 8.10 16.36
N VAL A 119 -6.21 7.30 15.29
CA VAL A 119 -6.12 7.81 13.92
C VAL A 119 -7.32 7.33 13.12
N VAL A 120 -8.09 8.28 12.59
CA VAL A 120 -9.30 7.98 11.81
C VAL A 120 -8.97 7.96 10.31
N LEU A 121 -9.18 6.81 9.68
CA LEU A 121 -8.80 6.60 8.29
C LEU A 121 -9.96 6.10 7.42
N GLU A 122 -9.74 6.08 6.11
CA GLU A 122 -10.69 5.52 5.15
C GLU A 122 -10.78 4.00 5.35
N ILE A 123 -12.00 3.48 5.29
CA ILE A 123 -12.24 2.06 5.54
C ILE A 123 -11.97 1.20 4.29
N CYS A 124 -11.05 0.25 4.43
CA CYS A 124 -10.73 -0.71 3.38
C CYS A 124 -11.05 -2.13 3.88
N ARG A 125 -12.25 -2.59 3.54
CA ARG A 125 -12.81 -3.83 4.11
C ARG A 125 -12.26 -5.12 3.50
N ARG A 126 -11.46 -5.00 2.45
CA ARG A 126 -10.98 -6.18 1.72
C ARG A 126 -9.49 -6.41 1.88
N ARG A 127 -8.98 -6.16 3.09
CA ARG A 127 -7.58 -6.38 3.46
C ARG A 127 -6.61 -5.71 2.48
N SER A 128 -5.54 -6.41 2.11
CA SER A 128 -4.54 -5.87 1.21
C SER A 128 -4.18 -6.84 0.08
N LEU A 129 -3.29 -6.41 -0.80
CA LEU A 129 -2.81 -7.23 -1.91
C LEU A 129 -1.97 -8.42 -1.45
N LEU A 130 -1.48 -8.36 -0.20
CA LEU A 130 -0.72 -9.47 0.38
C LEU A 130 -1.62 -10.70 0.63
N GLU A 131 -2.83 -10.45 1.14
CA GLU A 131 -3.80 -11.51 1.37
C GLU A 131 -4.30 -12.09 0.05
N LEU A 132 -4.39 -11.25 -0.98
CA LEU A 132 -4.75 -11.69 -2.31
C LEU A 132 -3.65 -12.58 -2.90
N HIS A 133 -2.40 -12.12 -2.78
CA HIS A 133 -1.23 -12.86 -3.25
C HIS A 133 -1.10 -14.25 -2.62
N LYS A 134 -1.30 -14.34 -1.30
CA LYS A 134 -1.20 -15.61 -0.58
C LYS A 134 -2.25 -16.61 -1.04
N ARG A 135 -3.44 -16.11 -1.34
CA ARG A 135 -4.56 -16.94 -1.76
C ARG A 135 -4.52 -17.28 -3.24
N ARG A 136 -3.96 -16.39 -4.05
CA ARG A 136 -4.00 -16.52 -5.51
C ARG A 136 -2.69 -17.00 -6.13
N LYS A 137 -1.57 -16.67 -5.48
CA LYS A 137 -0.25 -16.78 -6.09
C LYS A 137 -0.18 -15.93 -7.36
N ALA A 138 0.46 -16.43 -8.41
CA ALA A 138 0.59 -15.68 -9.66
C ALA A 138 -0.79 -15.34 -10.24
N VAL A 139 -1.03 -14.04 -10.40
CA VAL A 139 -2.29 -13.56 -10.97
C VAL A 139 -2.18 -13.45 -12.48
N THR A 140 -3.32 -13.30 -13.15
CA THR A 140 -3.34 -13.12 -14.60
C THR A 140 -2.82 -11.73 -14.95
N GLU A 141 -2.26 -11.62 -16.16
CA GLU A 141 -1.64 -10.38 -16.63
C GLU A 141 -2.58 -9.15 -16.61
N PRO A 142 -3.86 -9.31 -17.04
CA PRO A 142 -4.79 -8.19 -16.93
C PRO A 142 -5.03 -7.67 -15.51
N GLU A 143 -4.98 -8.58 -14.52
CA GLU A 143 -5.16 -8.20 -13.11
C GLU A 143 -3.99 -7.35 -12.60
N ALA A 144 -2.78 -7.78 -12.94
CA ALA A 144 -1.57 -7.05 -12.58
C ALA A 144 -1.57 -5.65 -13.19
N ARG A 145 -2.00 -5.54 -14.44
CA ARG A 145 -2.19 -4.25 -15.12
C ARG A 145 -3.10 -3.32 -14.31
N TYR A 146 -4.27 -3.85 -13.93
CA TYR A 146 -5.23 -3.11 -13.12
C TYR A 146 -4.64 -2.65 -11.80
N PHE A 147 -4.02 -3.58 -11.07
CA PHE A 147 -3.45 -3.30 -9.75
C PHE A 147 -2.27 -2.35 -9.82
N MET A 148 -1.40 -2.56 -10.81
CA MET A 148 -0.23 -1.69 -11.00
C MET A 148 -0.60 -0.27 -11.44
N ARG A 149 -1.48 -0.16 -12.44
CA ARG A 149 -1.96 1.15 -12.90
C ARG A 149 -2.50 2.00 -11.75
N GLN A 150 -3.38 1.42 -10.93
CA GLN A 150 -3.97 2.12 -9.79
C GLN A 150 -2.93 2.51 -8.75
N THR A 151 -1.96 1.62 -8.52
CA THR A 151 -0.90 1.85 -7.54
C THR A 151 0.06 2.95 -8.01
N ILE A 152 0.46 2.88 -9.28
CA ILE A 152 1.38 3.87 -9.87
C ILE A 152 0.74 5.26 -9.90
N GLN A 153 -0.54 5.32 -10.24
CA GLN A 153 -1.31 6.58 -10.20
C GLN A 153 -1.33 7.18 -8.78
N GLY A 154 -1.28 6.31 -7.77
CA GLY A 154 -1.15 6.74 -6.39
C GLY A 154 0.25 7.22 -6.06
N VAL A 155 1.25 6.51 -6.56
CA VAL A 155 2.66 6.87 -6.36
C VAL A 155 3.01 8.14 -7.13
N GLN A 156 2.39 8.32 -8.31
CA GLN A 156 2.55 9.53 -9.10
C GLN A 156 2.11 10.75 -8.30
N TYR A 157 0.94 10.65 -7.66
CA TYR A 157 0.41 11.70 -6.80
C TYR A 157 1.38 12.03 -5.67
N LEU A 158 1.92 10.99 -5.02
CA LEU A 158 2.87 11.15 -3.93
C LEU A 158 4.13 11.88 -4.38
N HIS A 159 4.68 11.46 -5.52
CA HIS A 159 5.92 12.01 -6.06
C HIS A 159 5.77 13.44 -6.56
N ASN A 160 4.61 13.75 -7.14
CA ASN A 160 4.27 15.13 -7.54
C ASN A 160 4.17 16.07 -6.34
N ASN A 161 3.80 15.52 -5.18
CA ASN A 161 3.74 16.27 -3.94
C ASN A 161 4.99 16.05 -3.09
N ARG A 162 6.07 15.59 -3.73
CA ARG A 162 7.40 15.42 -3.11
C ARG A 162 7.41 14.47 -1.91
N VAL A 163 6.49 13.52 -1.90
CA VAL A 163 6.44 12.50 -0.86
C VAL A 163 6.97 11.17 -1.40
N ILE A 164 7.96 10.62 -0.69
CA ILE A 164 8.48 9.29 -1.00
C ILE A 164 7.98 8.32 0.07
N HIS A 165 7.32 7.25 -0.37
CA HIS A 165 6.74 6.27 0.55
C HIS A 165 7.80 5.44 1.28
N ARG A 166 8.76 4.93 0.51
CA ARG A 166 9.92 4.19 1.04
C ARG A 166 9.64 2.78 1.58
N ASP A 167 8.37 2.43 1.71
CA ASP A 167 7.98 1.11 2.21
C ASP A 167 6.81 0.50 1.43
N LEU A 168 6.87 0.62 0.11
CA LEU A 168 5.82 0.06 -0.75
C LEU A 168 5.93 -1.46 -0.82
N LYS A 169 4.83 -2.12 -0.48
CA LYS A 169 4.73 -3.58 -0.53
C LYS A 169 3.26 -4.00 -0.65
N LEU A 170 3.03 -5.26 -1.01
CA LEU A 170 1.68 -5.79 -1.14
C LEU A 170 0.85 -5.58 0.14
N GLY A 171 1.53 -5.64 1.29
CA GLY A 171 0.91 -5.48 2.59
C GLY A 171 0.27 -4.14 2.88
N ASN A 172 0.79 -3.07 2.27
CA ASN A 172 0.18 -1.74 2.44
C ASN A 172 -0.50 -1.18 1.19
N LEU A 173 -0.79 -2.08 0.24
CA LEU A 173 -1.67 -1.76 -0.87
C LEU A 173 -3.05 -2.32 -0.57
N PHE A 174 -3.83 -1.53 0.17
CA PHE A 174 -5.12 -1.95 0.70
C PHE A 174 -6.23 -1.94 -0.36
N LEU A 175 -7.28 -2.71 -0.12
CA LEU A 175 -8.40 -2.82 -1.05
C LEU A 175 -9.71 -2.48 -0.35
N ASN A 176 -10.51 -1.64 -0.99
CA ASN A 176 -11.87 -1.37 -0.52
C ASN A 176 -12.86 -2.36 -1.13
N ASP A 177 -14.15 -2.17 -0.84
CA ASP A 177 -15.20 -3.07 -1.31
C ASP A 177 -15.32 -3.15 -2.84
N ASP A 178 -14.84 -2.12 -3.53
CA ASP A 178 -14.89 -2.04 -4.99
C ASP A 178 -13.61 -2.56 -5.66
N MET A 179 -12.71 -3.12 -4.84
CA MET A 179 -11.40 -3.62 -5.30
C MET A 179 -10.46 -2.51 -5.77
N ASP A 180 -10.70 -1.29 -5.28
CA ASP A 180 -9.81 -0.16 -5.56
C ASP A 180 -8.60 -0.20 -4.63
N VAL A 181 -7.43 0.07 -5.19
CA VAL A 181 -6.17 0.09 -4.44
C VAL A 181 -6.03 1.41 -3.66
N LYS A 182 -5.67 1.29 -2.39
CA LYS A 182 -5.44 2.44 -1.52
C LYS A 182 -4.09 2.29 -0.82
N ILE A 183 -3.13 3.11 -1.21
CA ILE A 183 -1.80 3.09 -0.58
C ILE A 183 -1.87 3.67 0.83
N GLY A 184 -1.31 2.92 1.78
CA GLY A 184 -1.30 3.31 3.19
C GLY A 184 0.03 3.08 3.87
N ASP A 185 0.03 3.25 5.19
CA ASP A 185 1.22 3.07 6.04
C ASP A 185 2.40 3.97 5.65
N PHE A 186 2.31 5.24 6.05
CA PHE A 186 3.34 6.23 5.75
C PHE A 186 4.33 6.41 6.89
N GLY A 187 4.48 5.37 7.71
CA GLY A 187 5.36 5.38 8.88
C GLY A 187 6.83 5.51 8.57
N LEU A 188 7.21 5.19 7.33
CA LEU A 188 8.59 5.33 6.87
C LEU A 188 8.73 6.37 5.76
N ALA A 189 7.63 7.05 5.45
CA ALA A 189 7.60 8.05 4.39
C ALA A 189 8.36 9.32 4.74
N THR A 190 8.87 10.00 3.72
CA THR A 190 9.55 11.28 3.89
C THR A 190 9.10 12.31 2.85
N LYS A 191 9.26 13.58 3.19
CA LYS A 191 8.91 14.68 2.28
C LYS A 191 10.14 15.54 2.02
N ILE A 192 10.40 15.83 0.74
CA ILE A 192 11.54 16.66 0.36
C ILE A 192 11.12 18.10 0.01
N GLU A 193 12.04 19.03 0.21
CA GLU A 193 11.78 20.46 -0.03
C GLU A 193 12.84 21.08 -0.93
N HIS A 219 19.52 8.52 -1.43
CA HIS A 219 18.36 7.97 -2.13
C HIS A 219 17.24 9.00 -2.26
N SER A 220 16.39 8.82 -3.27
CA SER A 220 15.29 9.75 -3.53
C SER A 220 14.01 9.02 -3.95
N PHE A 221 13.41 9.45 -5.06
CA PHE A 221 12.12 8.94 -5.52
C PHE A 221 12.18 7.53 -6.11
N GLU A 222 13.35 7.15 -6.62
CA GLU A 222 13.52 5.89 -7.35
C GLU A 222 13.54 4.61 -6.48
N VAL A 223 13.54 4.78 -5.16
CA VAL A 223 13.37 3.64 -4.25
C VAL A 223 11.94 3.09 -4.29
N ASP A 224 10.98 4.00 -4.52
CA ASP A 224 9.59 3.61 -4.68
C ASP A 224 9.37 2.84 -5.98
N ILE A 225 10.09 3.25 -7.03
CA ILE A 225 10.06 2.57 -8.32
C ILE A 225 10.61 1.14 -8.20
N TRP A 226 11.69 1.00 -7.43
CA TRP A 226 12.28 -0.29 -7.11
C TRP A 226 11.26 -1.23 -6.45
N SER A 227 10.56 -0.70 -5.45
CA SER A 227 9.55 -1.45 -4.72
C SER A 227 8.40 -1.89 -5.63
N LEU A 228 8.00 -1.02 -6.55
CA LEU A 228 6.94 -1.32 -7.52
C LEU A 228 7.36 -2.43 -8.49
N GLY A 229 8.67 -2.51 -8.76
CA GLY A 229 9.23 -3.59 -9.57
C GLY A 229 9.14 -4.94 -8.88
N CYS A 230 9.31 -4.93 -7.55
CA CYS A 230 9.15 -6.12 -6.72
C CYS A 230 7.69 -6.58 -6.67
N ILE A 231 6.78 -5.61 -6.52
CA ILE A 231 5.35 -5.87 -6.51
C ILE A 231 4.88 -6.48 -7.83
N LEU A 232 5.27 -5.87 -8.94
CA LEU A 232 4.90 -6.36 -10.28
C LEU A 232 5.46 -7.76 -10.55
N TYR A 233 6.69 -8.01 -10.12
CA TYR A 233 7.30 -9.32 -10.22
C TYR A 233 6.48 -10.34 -9.43
N THR A 234 6.21 -10.03 -8.16
CA THR A 234 5.48 -10.93 -7.27
C THR A 234 4.09 -11.28 -7.79
N LEU A 235 3.38 -10.28 -8.33
CA LEU A 235 2.05 -10.50 -8.89
C LEU A 235 2.05 -11.45 -10.08
N LEU A 236 3.03 -11.29 -10.97
CA LEU A 236 3.09 -12.07 -12.20
C LEU A 236 3.78 -13.42 -12.05
N VAL A 237 4.75 -13.50 -11.14
CA VAL A 237 5.54 -14.71 -10.93
C VAL A 237 4.95 -15.59 -9.83
N GLY A 238 4.38 -14.96 -8.81
CA GLY A 238 3.76 -15.69 -7.70
C GLY A 238 4.63 -15.78 -6.47
N LYS A 239 5.85 -15.25 -6.56
CA LYS A 239 6.79 -15.19 -5.44
C LYS A 239 7.66 -13.93 -5.54
N PRO A 240 8.13 -13.41 -4.39
CA PRO A 240 9.00 -12.23 -4.39
C PRO A 240 10.32 -12.49 -5.11
N PRO A 241 10.87 -11.46 -5.79
CA PRO A 241 12.10 -11.63 -6.58
C PRO A 241 13.37 -11.87 -5.78
N PHE A 242 13.40 -11.41 -4.53
CA PHE A 242 14.61 -11.51 -3.70
C PHE A 242 14.38 -12.25 -2.39
N GLU A 243 13.18 -12.11 -1.83
CA GLU A 243 12.88 -12.56 -0.47
C GLU A 243 13.03 -14.07 -0.26
N THR A 244 13.72 -14.42 0.82
CA THR A 244 13.94 -15.80 1.22
C THR A 244 13.74 -15.91 2.73
N SER A 245 13.79 -17.14 3.26
CA SER A 245 13.64 -17.40 4.71
C SER A 245 14.69 -16.66 5.54
N CYS A 246 15.93 -16.63 5.05
CA CYS A 246 17.01 -15.90 5.69
C CYS A 246 17.02 -14.44 5.23
N LEU A 247 16.97 -13.53 6.20
CA LEU A 247 16.99 -12.09 5.93
C LEU A 247 18.35 -11.61 5.42
N LYS A 248 19.41 -12.20 5.96
CA LYS A 248 20.78 -11.87 5.57
C LYS A 248 21.05 -12.19 4.10
N GLU A 249 20.54 -13.34 3.65
CA GLU A 249 20.67 -13.77 2.25
C GLU A 249 19.85 -12.87 1.31
N THR A 250 18.67 -12.46 1.78
CA THR A 250 17.81 -11.54 1.03
C THR A 250 18.52 -10.21 0.74
N TYR A 251 19.16 -9.64 1.76
CA TYR A 251 19.90 -8.39 1.63
C TYR A 251 21.08 -8.50 0.67
N ILE A 252 21.76 -9.65 0.70
CA ILE A 252 22.88 -9.93 -0.21
C ILE A 252 22.39 -9.99 -1.66
N ARG A 253 21.27 -10.67 -1.88
CA ARG A 253 20.65 -10.76 -3.21
C ARG A 253 20.25 -9.39 -3.75
N ILE A 254 19.71 -8.54 -2.88
CA ILE A 254 19.34 -7.16 -3.25
C ILE A 254 20.58 -6.36 -3.65
N LYS A 255 21.62 -6.40 -2.80
CA LYS A 255 22.89 -5.71 -3.04
C LYS A 255 23.55 -6.13 -4.35
N LYS A 256 23.58 -7.44 -4.62
CA LYS A 256 24.17 -7.97 -5.84
C LYS A 256 23.21 -7.88 -7.03
N ASN A 257 21.99 -7.43 -6.77
CA ASN A 257 20.90 -7.38 -7.77
C ASN A 257 20.62 -8.75 -8.40
N GLU A 258 20.59 -9.78 -7.54
CA GLU A 258 20.40 -11.15 -7.97
C GLU A 258 18.95 -11.60 -7.90
N TYR A 259 18.34 -11.73 -9.07
CA TYR A 259 16.98 -12.22 -9.24
C TYR A 259 16.85 -12.75 -10.66
N SER A 260 15.84 -13.56 -10.92
CA SER A 260 15.62 -14.07 -12.26
C SER A 260 14.13 -14.11 -12.63
N VAL A 261 13.78 -13.36 -13.67
CA VAL A 261 12.44 -13.41 -14.26
C VAL A 261 12.42 -14.55 -15.26
N PRO A 262 11.50 -15.52 -15.08
CA PRO A 262 11.39 -16.68 -15.98
C PRO A 262 11.15 -16.30 -17.44
N ARG A 263 11.59 -17.18 -18.34
CA ARG A 263 11.52 -16.92 -19.78
C ARG A 263 10.09 -16.85 -20.32
N HIS A 264 9.18 -17.60 -19.72
CA HIS A 264 7.80 -17.70 -20.20
C HIS A 264 6.98 -16.42 -19.97
N ILE A 265 7.37 -15.64 -18.97
CA ILE A 265 6.76 -14.33 -18.67
C ILE A 265 6.88 -13.42 -19.90
N ASN A 266 5.78 -12.74 -20.22
CA ASN A 266 5.72 -11.79 -21.32
C ASN A 266 6.96 -10.91 -21.39
N PRO A 267 7.72 -10.99 -22.50
CA PRO A 267 8.94 -10.19 -22.71
C PRO A 267 8.73 -8.70 -22.40
N VAL A 268 7.56 -8.19 -22.76
CA VAL A 268 7.18 -6.79 -22.50
C VAL A 268 7.10 -6.50 -20.99
N ALA A 269 6.56 -7.44 -20.23
CA ALA A 269 6.46 -7.32 -18.78
C ALA A 269 7.81 -7.50 -18.09
N SER A 270 8.58 -8.49 -18.54
CA SER A 270 9.88 -8.78 -17.96
C SER A 270 10.88 -7.65 -18.22
N ALA A 271 10.83 -7.06 -19.40
CA ALA A 271 11.65 -5.90 -19.76
C ALA A 271 11.40 -4.73 -18.82
N LEU A 272 10.13 -4.47 -18.53
CA LEU A 272 9.73 -3.41 -17.61
C LEU A 272 10.23 -3.67 -16.19
N ILE A 273 10.13 -4.92 -15.75
CA ILE A 273 10.61 -5.32 -14.42
C ILE A 273 12.11 -5.10 -14.29
N ARG A 274 12.86 -5.48 -15.33
CA ARG A 274 14.32 -5.30 -15.36
C ARG A 274 14.74 -3.83 -15.25
N ARG A 275 13.95 -2.94 -15.84
CA ARG A 275 14.22 -1.50 -15.77
C ARG A 275 13.86 -0.91 -14.42
N MET A 276 12.74 -1.35 -13.86
CA MET A 276 12.29 -0.91 -12.52
C MET A 276 13.21 -1.39 -11.41
N LEU A 277 13.81 -2.56 -11.60
CA LEU A 277 14.71 -3.14 -10.60
C LEU A 277 16.19 -2.95 -10.95
N HIS A 278 16.46 -1.97 -11.81
CA HIS A 278 17.82 -1.74 -12.28
C HIS A 278 18.75 -1.30 -11.15
N ALA A 279 19.95 -1.88 -11.13
CA ALA A 279 20.97 -1.57 -10.12
C ALA A 279 21.29 -0.08 -10.08
N ASP A 280 21.44 0.52 -11.25
CA ASP A 280 21.62 1.96 -11.39
C ASP A 280 20.25 2.64 -11.28
N PRO A 281 20.01 3.35 -10.17
CA PRO A 281 18.72 3.99 -9.91
C PRO A 281 18.39 5.13 -10.91
N THR A 282 19.41 5.59 -11.64
CA THR A 282 19.23 6.62 -12.66
C THR A 282 18.58 6.05 -13.92
N LEU A 283 18.86 4.77 -14.21
CA LEU A 283 18.30 4.10 -15.37
C LEU A 283 16.91 3.50 -15.11
N ARG A 284 16.40 3.71 -13.90
CA ARG A 284 15.04 3.30 -13.55
C ARG A 284 14.03 4.29 -14.13
N PRO A 285 12.87 3.78 -14.58
CA PRO A 285 11.86 4.68 -15.15
C PRO A 285 11.25 5.58 -14.09
N SER A 286 10.91 6.80 -14.47
CA SER A 286 10.18 7.69 -13.59
C SER A 286 8.73 7.21 -13.49
N VAL A 287 8.05 7.63 -12.42
CA VAL A 287 6.66 7.24 -12.20
C VAL A 287 5.76 7.64 -13.39
N ALA A 288 6.13 8.71 -14.09
CA ALA A 288 5.38 9.23 -15.23
C ALA A 288 5.49 8.34 -16.46
N GLU A 289 6.68 7.82 -16.73
CA GLU A 289 6.89 6.97 -17.90
C GLU A 289 6.51 5.51 -17.64
N LEU A 290 6.17 5.19 -16.38
CA LEU A 290 5.61 3.90 -16.02
C LEU A 290 4.23 3.68 -16.66
N LEU A 291 3.35 4.68 -16.53
CA LEU A 291 1.99 4.60 -17.05
C LEU A 291 1.92 4.41 -18.57
N THR A 292 2.87 5.00 -19.28
CA THR A 292 2.88 4.99 -20.74
C THR A 292 3.67 3.81 -21.32
N ASP A 293 4.08 2.89 -20.46
CA ASP A 293 4.82 1.70 -20.89
C ASP A 293 3.97 0.77 -21.73
N GLU A 294 4.61 0.04 -22.63
CA GLU A 294 3.97 -0.92 -23.53
C GLU A 294 3.13 -1.97 -22.76
N PHE A 295 3.60 -2.33 -21.57
CA PHE A 295 2.91 -3.30 -20.71
C PHE A 295 1.46 -2.91 -20.41
N PHE A 296 1.22 -1.60 -20.26
CA PHE A 296 -0.12 -1.10 -19.97
C PHE A 296 -0.94 -0.78 -21.22
N THR A 297 -0.26 -0.38 -22.29
CA THR A 297 -0.91 0.14 -23.49
C THR A 297 -1.29 -0.94 -24.52
N SER A 298 -0.71 -2.12 -24.38
CA SER A 298 -0.92 -3.20 -25.36
C SER A 298 -2.07 -4.14 -24.99
N GLY A 299 -1.83 -5.01 -24.01
CA GLY A 299 -2.78 -6.07 -23.65
C GLY A 299 -4.08 -5.61 -23.02
N TYR A 300 -4.93 -6.58 -22.68
CA TYR A 300 -6.21 -6.30 -22.05
C TYR A 300 -6.05 -5.71 -20.65
N ALA A 301 -6.67 -4.57 -20.43
CA ALA A 301 -6.60 -3.87 -19.16
C ALA A 301 -8.01 -3.54 -18.65
N PRO A 302 -8.60 -4.43 -17.84
CA PRO A 302 -9.94 -4.21 -17.28
C PRO A 302 -9.97 -2.98 -16.38
N MET A 303 -11.07 -2.22 -16.46
CA MET A 303 -11.25 -1.02 -15.66
C MET A 303 -11.81 -1.33 -14.28
N ARG A 304 -12.41 -2.52 -14.15
CA ARG A 304 -12.95 -2.99 -12.87
C ARG A 304 -12.55 -4.44 -12.61
N LEU A 305 -12.44 -4.80 -11.33
CA LEU A 305 -12.26 -6.19 -10.93
C LEU A 305 -13.31 -6.62 -9.92
N PRO A 306 -13.90 -7.81 -10.12
CA PRO A 306 -14.85 -8.36 -9.15
C PRO A 306 -14.16 -8.82 -7.87
N THR A 307 -14.92 -8.86 -6.77
CA THR A 307 -14.39 -9.32 -5.47
C THR A 307 -13.99 -10.81 -5.47
N SER A 308 -14.38 -11.53 -6.52
CA SER A 308 -13.98 -12.93 -6.71
C SER A 308 -12.46 -13.08 -6.92
N CYS A 309 -11.82 -12.01 -7.40
CA CYS A 309 -10.37 -11.97 -7.62
C CYS A 309 -9.55 -12.18 -6.36
N LEU A 310 -10.19 -12.03 -5.20
CA LEU A 310 -9.56 -12.32 -3.91
C LEU A 310 -9.21 -13.81 -3.76
N THR A 311 -9.97 -14.67 -4.43
CA THR A 311 -9.80 -16.12 -4.28
C THR A 311 -9.55 -16.87 -5.59
N VAL A 312 -10.18 -16.44 -6.68
CA VAL A 312 -10.08 -17.15 -7.97
C VAL A 312 -9.78 -16.19 -9.15
N PRO A 313 -9.22 -16.73 -10.26
CA PRO A 313 -9.04 -15.93 -11.47
C PRO A 313 -10.37 -15.45 -12.06
N PRO A 314 -10.39 -14.24 -12.64
CA PRO A 314 -11.61 -13.66 -13.21
C PRO A 314 -12.03 -14.30 -14.53
N ARG A 315 -13.33 -14.26 -14.81
CA ARG A 315 -13.90 -14.77 -16.05
C ARG A 315 -14.17 -13.63 -17.01
N PHE A 316 -14.34 -12.43 -16.46
CA PHE A 316 -14.71 -11.20 -17.19
C PHE A 316 -16.06 -11.33 -17.88
N SER A 317 -17.12 -11.30 -17.07
CA SER A 317 -18.50 -11.44 -17.55
C SER A 317 -19.35 -10.25 -17.12
#